data_1GTB
#
_entry.id   1GTB
#
_cell.length_a   123.800
_cell.length_b   123.800
_cell.length_c   70.200
_cell.angle_alpha   90.00
_cell.angle_beta   90.00
_cell.angle_gamma   120.00
#
_symmetry.space_group_name_H-M   'P 63 2 2'
#
loop_
_entity.id
_entity.type
_entity.pdbx_description
1 polymer 'GLUTATHIONE S-TRANSFERASE'
2 non-polymer PRAZIQUANTEL
3 water water
#
_entity_poly.entity_id   1
_entity_poly.type   'polypeptide(L)'
_entity_poly.pdbx_seq_one_letter_code
;MSPILGYWKIKGLVQPTRLLLEYLEEKYEEHLYERDEGDKWRNKKFELGLEFPNLPYYIDGDVKLTQSMAIIRYIADKHN
MLGGCPKERAEISMLEGAVLDIRYGVSRIAYSKDFETLKVDFLSKLPEMLKMFEDRLCHKTYLNGDHVTHPDFMLYDALD
VVLYMDPMCLDAFPKLVCFKKRIEAIPQIDKYLKSSKYIAWPLQGWQATFGGGDHPPK
;
_entity_poly.pdbx_strand_id   A
#
# COMPACT_ATOMS: atom_id res chain seq x y z
N MET A 1 -4.26 -23.58 8.87
CA MET A 1 -4.22 -22.61 9.95
C MET A 1 -4.07 -21.16 9.42
N SER A 2 -4.05 -20.18 10.33
CA SER A 2 -3.94 -18.76 9.96
C SER A 2 -2.73 -18.51 9.05
N PRO A 3 -2.92 -17.82 7.94
CA PRO A 3 -1.81 -17.29 7.16
C PRO A 3 -0.86 -16.40 7.96
N ILE A 4 0.40 -16.42 7.58
CA ILE A 4 1.39 -15.49 8.11
C ILE A 4 1.72 -14.40 7.10
N LEU A 5 1.73 -13.15 7.54
CA LEU A 5 2.17 -12.06 6.70
C LEU A 5 3.42 -11.56 7.39
N GLY A 6 4.55 -11.57 6.71
CA GLY A 6 5.75 -11.02 7.31
C GLY A 6 6.24 -9.81 6.55
N TYR A 7 6.57 -8.73 7.27
CA TYR A 7 7.18 -7.53 6.70
C TYR A 7 7.91 -6.85 7.86
N TRP A 8 8.68 -5.80 7.55
CA TRP A 8 9.05 -4.79 8.55
C TRP A 8 7.81 -4.17 9.18
N LYS A 9 7.94 -3.71 10.40
CA LYS A 9 6.84 -3.06 11.09
C LYS A 9 6.84 -1.60 10.64
N ILE A 10 6.71 -1.39 9.34
CA ILE A 10 6.51 -0.06 8.77
C ILE A 10 5.26 -0.15 7.88
N LYS A 11 4.81 0.97 7.31
CA LYS A 11 3.81 0.89 6.26
C LYS A 11 4.35 0.31 4.95
N GLY A 12 5.29 1.00 4.35
CA GLY A 12 6.02 0.44 3.23
C GLY A 12 5.14 -0.29 2.22
N LEU A 13 5.69 -1.37 1.68
CA LEU A 13 5.06 -2.13 0.60
C LEU A 13 3.79 -2.89 0.95
N VAL A 14 3.59 -3.21 2.22
CA VAL A 14 2.58 -4.20 2.53
C VAL A 14 1.30 -3.52 3.06
N GLN A 15 1.29 -2.20 3.15
CA GLN A 15 0.17 -1.57 3.82
C GLN A 15 -1.18 -1.86 3.18
N PRO A 16 -1.31 -1.66 1.85
CA PRO A 16 -2.54 -2.06 1.13
C PRO A 16 -2.96 -3.52 1.29
N THR A 17 -2.03 -4.45 1.44
CA THR A 17 -2.44 -5.83 1.65
C THR A 17 -3.09 -5.89 3.01
N ARG A 18 -2.50 -5.21 4.01
CA ARG A 18 -3.05 -5.29 5.36
C ARG A 18 -4.49 -4.76 5.34
N LEU A 19 -4.74 -3.65 4.64
CA LEU A 19 -6.06 -3.04 4.65
C LEU A 19 -7.05 -3.93 3.94
N LEU A 20 -6.62 -4.59 2.87
CA LEU A 20 -7.48 -5.57 2.17
C LEU A 20 -7.87 -6.79 3.00
N LEU A 21 -6.90 -7.35 3.72
CA LEU A 21 -7.14 -8.46 4.65
C LEU A 21 -8.12 -7.96 5.69
N GLU A 22 -7.96 -6.72 6.14
CA GLU A 22 -8.82 -6.17 7.18
C GLU A 22 -10.20 -5.96 6.63
N TYR A 23 -10.30 -5.51 5.41
CA TYR A 23 -11.61 -5.25 4.80
C TYR A 23 -12.42 -6.54 4.52
N LEU A 24 -11.70 -7.58 4.16
CA LEU A 24 -12.24 -8.87 3.80
C LEU A 24 -12.55 -9.63 5.09
N GLU A 25 -12.20 -9.02 6.22
CA GLU A 25 -12.36 -9.63 7.54
C GLU A 25 -11.77 -10.99 7.63
N GLU A 26 -10.49 -11.06 7.28
CA GLU A 26 -9.73 -12.31 7.22
C GLU A 26 -8.74 -12.35 8.36
N LYS A 27 -8.56 -13.55 8.91
CA LYS A 27 -7.58 -13.82 9.97
C LYS A 27 -6.22 -14.01 9.31
N TYR A 28 -5.22 -13.39 9.90
CA TYR A 28 -3.86 -13.62 9.46
C TYR A 28 -3.00 -13.27 10.65
N GLU A 29 -1.78 -13.81 10.68
CA GLU A 29 -0.82 -13.42 11.72
C GLU A 29 0.29 -12.64 11.05
N GLU A 30 0.96 -11.74 11.75
CA GLU A 30 2.12 -11.12 11.12
C GLU A 30 3.36 -11.38 11.89
N HIS A 31 4.46 -11.57 11.16
CA HIS A 31 5.81 -11.38 11.67
C HIS A 31 6.25 -9.99 11.25
N LEU A 32 6.36 -9.10 12.22
CA LEU A 32 6.91 -7.78 11.99
C LEU A 32 8.37 -7.85 12.41
N TYR A 33 9.27 -7.31 11.61
CA TYR A 33 10.61 -7.13 12.10
C TYR A 33 10.75 -5.64 12.45
N GLU A 34 11.34 -5.35 13.60
CA GLU A 34 11.64 -3.97 14.00
C GLU A 34 13.07 -3.65 13.58
N ARG A 35 13.56 -2.46 13.90
CA ARG A 35 14.69 -1.97 13.09
C ARG A 35 16.04 -2.61 13.52
N ASP A 36 16.17 -2.88 14.82
CA ASP A 36 17.30 -3.64 15.32
C ASP A 36 17.36 -5.08 14.79
N GLU A 37 16.49 -5.43 13.85
CA GLU A 37 16.18 -6.84 13.65
C GLU A 37 16.44 -7.42 12.26
N GLY A 38 17.13 -6.64 11.44
CA GLY A 38 17.72 -7.20 10.25
C GLY A 38 18.18 -8.61 10.52
N ASP A 39 19.14 -8.77 11.43
CA ASP A 39 19.79 -10.06 11.65
C ASP A 39 18.76 -11.18 11.75
N LYS A 40 17.65 -10.90 12.46
CA LYS A 40 16.56 -11.86 12.60
C LYS A 40 16.20 -12.40 11.22
N TRP A 41 15.90 -11.44 10.34
CA TRP A 41 15.40 -11.75 9.02
C TRP A 41 16.45 -12.55 8.24
N ARG A 42 17.64 -12.00 8.07
CA ARG A 42 18.68 -12.68 7.32
C ARG A 42 18.86 -14.16 7.69
N ASN A 43 18.76 -14.48 8.97
CA ASN A 43 18.74 -15.85 9.45
C ASN A 43 17.59 -16.63 8.81
N LYS A 44 16.38 -16.35 9.26
CA LYS A 44 15.18 -17.02 8.76
C LYS A 44 15.03 -16.97 7.25
N LYS A 45 15.67 -15.99 6.63
CA LYS A 45 15.46 -15.62 5.23
C LYS A 45 15.38 -16.86 4.38
N PHE A 46 16.32 -17.77 4.57
CA PHE A 46 16.42 -18.92 3.69
C PHE A 46 15.87 -20.21 4.31
N GLU A 47 15.51 -20.19 5.59
CA GLU A 47 14.88 -21.37 6.20
C GLU A 47 13.34 -21.44 6.11
N LEU A 48 12.75 -20.54 5.34
CA LEU A 48 11.29 -20.40 5.35
C LEU A 48 10.62 -21.11 4.18
N GLY A 49 11.41 -21.58 3.22
CA GLY A 49 10.81 -22.23 2.06
C GLY A 49 10.35 -21.34 0.91
N LEU A 50 10.71 -20.06 0.92
CA LEU A 50 10.33 -19.15 -0.14
C LEU A 50 11.29 -19.39 -1.30
N GLU A 51 10.75 -19.48 -2.52
CA GLU A 51 11.59 -19.69 -3.67
C GLU A 51 12.29 -18.42 -4.04
N PHE A 52 11.69 -17.29 -3.68
CA PHE A 52 12.30 -15.99 -3.94
C PHE A 52 12.32 -15.15 -2.68
N PRO A 53 13.20 -15.52 -1.73
CA PRO A 53 13.10 -14.97 -0.38
C PRO A 53 13.12 -13.47 -0.47
N ASN A 54 12.20 -12.84 0.24
CA ASN A 54 12.07 -11.40 0.23
C ASN A 54 11.09 -11.07 1.34
N LEU A 55 10.95 -9.78 1.62
CA LEU A 55 9.90 -9.27 2.50
C LEU A 55 9.11 -8.23 1.70
N PRO A 56 7.77 -8.33 1.68
CA PRO A 56 6.93 -9.12 2.55
C PRO A 56 6.90 -10.54 2.01
N TYR A 57 6.59 -11.50 2.88
CA TYR A 57 6.26 -12.84 2.41
C TYR A 57 4.86 -13.19 2.84
N TYR A 58 4.24 -14.13 2.16
CA TYR A 58 2.93 -14.56 2.56
C TYR A 58 2.90 -16.08 2.51
N ILE A 59 2.68 -16.71 3.66
CA ILE A 59 2.62 -18.17 3.68
C ILE A 59 1.23 -18.70 4.07
N ASP A 60 0.84 -19.77 3.42
CA ASP A 60 -0.54 -20.15 3.40
C ASP A 60 -0.58 -21.63 3.69
N GLY A 61 0.37 -22.36 3.13
CA GLY A 61 0.19 -23.80 3.03
C GLY A 61 -0.55 -24.34 1.80
N ASP A 62 -1.29 -23.49 1.10
CA ASP A 62 -1.37 -23.62 -0.36
C ASP A 62 -0.15 -22.98 -1.02
N VAL A 63 0.44 -22.01 -0.34
CA VAL A 63 1.19 -20.98 -1.02
C VAL A 63 2.22 -20.31 -0.09
N LYS A 64 3.45 -20.19 -0.57
CA LYS A 64 4.46 -19.33 0.05
C LYS A 64 4.90 -18.31 -1.00
N LEU A 65 4.76 -17.02 -0.72
CA LEU A 65 4.78 -16.02 -1.79
C LEU A 65 5.64 -14.84 -1.30
N THR A 66 6.36 -14.13 -2.17
CA THR A 66 7.24 -13.02 -1.71
C THR A 66 7.20 -11.66 -2.41
N GLN A 67 6.47 -11.51 -3.51
CA GLN A 67 6.28 -10.23 -4.07
C GLN A 67 4.99 -9.51 -3.61
N SER A 68 5.12 -8.31 -3.08
CA SER A 68 3.96 -7.57 -2.63
C SER A 68 2.80 -7.60 -3.62
N MET A 69 3.04 -7.46 -4.92
CA MET A 69 1.93 -7.48 -5.87
C MET A 69 1.38 -8.87 -6.11
N ALA A 70 2.20 -9.90 -5.93
CA ALA A 70 1.69 -11.27 -6.05
C ALA A 70 0.85 -11.63 -4.85
N ILE A 71 1.28 -11.19 -3.67
CA ILE A 71 0.49 -11.32 -2.46
C ILE A 71 -0.86 -10.61 -2.51
N ILE A 72 -0.91 -9.33 -2.82
CA ILE A 72 -2.22 -8.67 -2.76
C ILE A 72 -3.14 -9.19 -3.85
N ARG A 73 -2.60 -9.59 -4.99
CA ARG A 73 -3.46 -10.05 -6.09
C ARG A 73 -3.99 -11.46 -5.81
N TYR A 74 -3.17 -12.27 -5.15
CA TYR A 74 -3.61 -13.56 -4.65
C TYR A 74 -4.74 -13.46 -3.65
N ILE A 75 -4.56 -12.67 -2.59
CA ILE A 75 -5.64 -12.54 -1.63
C ILE A 75 -6.91 -12.10 -2.33
N ALA A 76 -6.81 -11.08 -3.18
CA ALA A 76 -7.93 -10.61 -4.01
C ALA A 76 -8.44 -11.71 -4.91
N ASP A 77 -7.52 -12.44 -5.53
CA ASP A 77 -7.90 -13.54 -6.42
C ASP A 77 -8.73 -14.60 -5.69
N LYS A 78 -8.24 -15.04 -4.54
CA LYS A 78 -8.94 -15.97 -3.68
C LYS A 78 -10.37 -15.52 -3.40
N HIS A 79 -10.63 -14.22 -3.43
CA HIS A 79 -11.98 -13.72 -3.19
C HIS A 79 -12.67 -13.20 -4.41
N ASN A 80 -12.20 -13.61 -5.59
CA ASN A 80 -12.92 -13.25 -6.79
C ASN A 80 -12.90 -11.78 -7.17
N MET A 81 -11.93 -11.03 -6.67
CA MET A 81 -11.99 -9.59 -6.82
C MET A 81 -11.13 -9.12 -7.98
N LEU A 82 -10.63 -10.04 -8.77
CA LEU A 82 -9.44 -9.72 -9.53
C LEU A 82 -9.65 -9.15 -10.91
N GLY A 83 -10.83 -9.36 -11.48
CA GLY A 83 -10.98 -9.40 -12.92
C GLY A 83 -12.30 -10.06 -13.12
N GLY A 84 -12.44 -10.99 -14.06
CA GLY A 84 -13.77 -11.32 -14.54
C GLY A 84 -13.74 -11.68 -16.02
N CYS A 85 -12.98 -10.92 -16.78
CA CYS A 85 -12.60 -11.35 -18.10
C CYS A 85 -11.38 -10.56 -18.50
N PRO A 86 -10.62 -11.00 -19.50
CA PRO A 86 -9.38 -10.30 -19.81
C PRO A 86 -9.52 -8.80 -19.73
N LYS A 87 -10.64 -8.25 -20.20
CA LYS A 87 -10.81 -6.82 -20.18
C LYS A 87 -10.93 -6.30 -18.77
N GLU A 88 -11.62 -7.02 -17.90
CA GLU A 88 -11.87 -6.44 -16.61
C GLU A 88 -10.63 -6.54 -15.81
N ARG A 89 -9.89 -7.62 -16.04
CA ARG A 89 -8.66 -7.89 -15.30
C ARG A 89 -7.58 -6.93 -15.70
N ALA A 90 -7.59 -6.49 -16.95
CA ALA A 90 -6.69 -5.46 -17.44
C ALA A 90 -7.01 -4.11 -16.85
N GLU A 91 -8.30 -3.80 -16.76
CA GLU A 91 -8.76 -2.61 -16.05
C GLU A 91 -8.13 -2.54 -14.67
N ILE A 92 -8.39 -3.53 -13.86
CA ILE A 92 -7.79 -3.55 -12.54
C ILE A 92 -6.25 -3.46 -12.51
N SER A 93 -5.56 -4.08 -13.46
CA SER A 93 -4.08 -4.06 -13.51
C SER A 93 -3.54 -2.70 -13.95
N MET A 94 -4.26 -2.03 -14.83
CA MET A 94 -3.92 -0.67 -15.20
C MET A 94 -4.10 0.33 -14.05
N LEU A 95 -5.12 0.12 -13.21
CA LEU A 95 -5.33 0.96 -12.03
C LEU A 95 -4.22 0.71 -11.02
N GLU A 96 -3.85 -0.55 -10.92
CA GLU A 96 -2.78 -1.00 -10.04
C GLU A 96 -1.53 -0.23 -10.35
N GLY A 97 -1.12 -0.30 -11.61
CA GLY A 97 0.12 0.35 -12.01
C GLY A 97 0.02 1.84 -12.20
N ALA A 98 -1.18 2.36 -12.37
CA ALA A 98 -1.32 3.78 -12.31
C ALA A 98 -1.07 4.33 -10.89
N VAL A 99 -1.33 3.54 -9.83
CA VAL A 99 -0.99 4.01 -8.47
C VAL A 99 0.38 3.65 -7.92
N LEU A 100 0.97 2.60 -8.44
CA LEU A 100 2.39 2.38 -8.22
C LEU A 100 3.20 3.53 -8.78
N ASP A 101 2.82 4.05 -9.94
CA ASP A 101 3.44 5.29 -10.41
C ASP A 101 3.63 6.33 -9.31
N ILE A 102 2.54 6.69 -8.65
CA ILE A 102 2.62 7.63 -7.55
C ILE A 102 3.47 7.04 -6.43
N ARG A 103 3.18 5.81 -6.00
CA ARG A 103 3.72 5.34 -4.71
C ARG A 103 5.21 4.97 -4.78
N TYR A 104 5.59 4.23 -5.82
CA TYR A 104 6.98 3.95 -6.10
C TYR A 104 7.71 5.24 -6.39
N GLY A 105 7.01 6.24 -6.96
CA GLY A 105 7.60 7.56 -7.15
C GLY A 105 8.14 8.28 -5.89
N VAL A 106 7.36 8.23 -4.82
CA VAL A 106 7.83 8.62 -3.51
C VAL A 106 9.13 7.88 -3.21
N SER A 107 9.11 6.58 -3.43
CA SER A 107 10.15 5.66 -2.96
C SER A 107 11.44 5.79 -3.73
N ARG A 108 11.34 5.99 -5.04
CA ARG A 108 12.49 6.30 -5.84
C ARG A 108 13.31 7.34 -5.14
N ILE A 109 12.65 8.39 -4.67
CA ILE A 109 13.37 9.57 -4.23
C ILE A 109 13.45 9.72 -2.73
N ALA A 110 12.80 8.85 -1.97
CA ALA A 110 13.09 8.79 -0.53
C ALA A 110 14.45 8.10 -0.48
N TYR A 111 15.17 8.21 0.63
CA TYR A 111 16.54 7.67 0.68
C TYR A 111 17.67 8.46 -0.02
N SER A 112 17.36 9.43 -0.88
CA SER A 112 18.43 10.26 -1.44
C SER A 112 18.75 11.39 -0.51
N LYS A 113 20.02 11.75 -0.42
CA LYS A 113 20.37 12.98 0.29
C LYS A 113 19.71 14.09 -0.51
N ASP A 114 19.81 13.96 -1.83
CA ASP A 114 19.16 14.87 -2.78
C ASP A 114 17.63 14.84 -2.74
N PHE A 115 17.03 14.23 -1.74
CA PHE A 115 15.57 14.20 -1.70
C PHE A 115 15.00 15.60 -2.02
N GLU A 116 15.43 16.64 -1.32
CA GLU A 116 14.82 17.98 -1.36
C GLU A 116 14.74 18.67 -2.72
N THR A 117 15.76 18.46 -3.56
CA THR A 117 15.73 18.94 -4.96
C THR A 117 15.02 17.94 -5.90
N LEU A 118 14.94 16.70 -5.43
CA LEU A 118 14.15 15.64 -6.05
C LEU A 118 12.65 15.86 -5.80
N LYS A 119 12.31 16.13 -4.54
CA LYS A 119 10.93 16.42 -4.14
C LYS A 119 10.30 17.43 -5.09
N VAL A 120 10.92 18.61 -5.19
CA VAL A 120 10.34 19.69 -5.97
C VAL A 120 10.03 19.19 -7.38
N ASP A 121 10.94 18.39 -7.90
CA ASP A 121 10.71 17.85 -9.23
C ASP A 121 9.40 17.07 -9.20
N PHE A 122 9.34 15.99 -8.44
CA PHE A 122 8.24 15.00 -8.46
C PHE A 122 6.82 15.56 -8.16
N LEU A 123 6.77 16.53 -7.26
CA LEU A 123 5.57 17.31 -7.12
C LEU A 123 5.05 18.04 -8.37
N SER A 124 5.87 18.33 -9.37
CA SER A 124 5.30 18.88 -10.62
C SER A 124 4.53 17.85 -11.43
N LYS A 125 4.83 16.58 -11.22
CA LYS A 125 4.19 15.51 -11.98
C LYS A 125 2.94 15.01 -11.25
N LEU A 126 3.01 15.03 -9.92
CA LEU A 126 1.91 14.55 -9.08
C LEU A 126 0.53 14.98 -9.55
N PRO A 127 0.29 16.29 -9.70
CA PRO A 127 -1.08 16.74 -9.99
C PRO A 127 -1.63 16.10 -11.29
N GLU A 128 -0.78 15.81 -12.25
CA GLU A 128 -1.23 15.21 -13.50
C GLU A 128 -1.62 13.77 -13.28
N MET A 129 -0.92 13.12 -12.37
CA MET A 129 -1.28 11.77 -11.99
C MET A 129 -2.57 11.75 -11.20
N LEU A 130 -2.61 12.51 -10.12
CA LEU A 130 -3.84 12.77 -9.40
C LEU A 130 -5.02 13.10 -10.30
N LYS A 131 -4.88 14.03 -11.22
CA LYS A 131 -6.06 14.42 -11.99
C LYS A 131 -6.71 13.21 -12.64
N MET A 132 -5.88 12.24 -13.03
CA MET A 132 -6.39 11.03 -13.69
C MET A 132 -7.34 10.19 -12.80
N PHE A 133 -6.99 10.04 -11.52
CA PHE A 133 -7.89 9.40 -10.58
C PHE A 133 -9.11 10.28 -10.33
N GLU A 134 -8.90 11.57 -10.14
CA GLU A 134 -10.00 12.44 -9.81
C GLU A 134 -11.04 12.32 -10.90
N ASP A 135 -10.58 12.30 -12.14
CA ASP A 135 -11.49 12.16 -13.27
C ASP A 135 -12.17 10.81 -13.27
N ARG A 136 -11.44 9.79 -12.80
CA ARG A 136 -11.95 8.43 -12.76
C ARG A 136 -13.10 8.32 -11.77
N LEU A 137 -12.95 8.98 -10.63
CA LEU A 137 -13.93 8.93 -9.56
C LEU A 137 -15.06 9.93 -9.78
N CYS A 138 -15.04 10.64 -10.89
CA CYS A 138 -16.02 11.69 -11.09
C CYS A 138 -17.39 11.11 -11.25
N HIS A 139 -17.46 9.86 -11.65
CA HIS A 139 -18.74 9.16 -11.59
C HIS A 139 -18.79 7.80 -10.87
N LYS A 140 -17.72 7.41 -10.17
CA LYS A 140 -17.75 6.16 -9.41
C LYS A 140 -17.54 6.37 -7.93
N THR A 141 -17.98 5.43 -7.10
CA THR A 141 -17.74 5.50 -5.65
C THR A 141 -16.34 5.05 -5.38
N TYR A 142 -16.01 3.91 -5.97
CA TYR A 142 -14.67 3.37 -5.97
C TYR A 142 -14.03 3.34 -7.35
N LEU A 143 -12.76 2.96 -7.40
CA LEU A 143 -12.01 3.10 -8.63
C LEU A 143 -12.70 2.32 -9.77
N ASN A 144 -13.40 1.26 -9.41
CA ASN A 144 -13.97 0.38 -10.41
C ASN A 144 -15.47 0.29 -10.30
N GLY A 145 -16.11 1.23 -9.62
CA GLY A 145 -17.55 1.22 -9.53
C GLY A 145 -18.01 1.33 -8.11
N ASP A 146 -18.96 0.48 -7.76
CA ASP A 146 -19.63 0.62 -6.50
C ASP A 146 -19.01 -0.36 -5.59
N HIS A 147 -17.90 -0.95 -6.04
CA HIS A 147 -17.28 -1.97 -5.24
C HIS A 147 -15.78 -1.86 -5.10
N VAL A 148 -15.34 -2.01 -3.84
CA VAL A 148 -13.93 -1.92 -3.49
C VAL A 148 -13.18 -3.00 -4.24
N THR A 149 -12.13 -2.64 -4.95
CA THR A 149 -11.21 -3.65 -5.49
C THR A 149 -9.88 -3.41 -4.79
N HIS A 150 -8.87 -4.25 -5.02
CA HIS A 150 -7.62 -4.05 -4.30
C HIS A 150 -6.93 -2.71 -4.58
N PRO A 151 -7.14 -2.10 -5.77
CA PRO A 151 -6.46 -0.83 -6.04
C PRO A 151 -7.01 0.36 -5.29
N ASP A 152 -8.20 0.24 -4.73
CA ASP A 152 -8.70 1.28 -3.87
C ASP A 152 -7.86 1.47 -2.62
N PHE A 153 -7.41 0.36 -2.03
CA PHE A 153 -6.51 0.39 -0.86
C PHE A 153 -5.08 0.74 -1.21
N MET A 154 -4.66 0.41 -2.43
CA MET A 154 -3.44 0.97 -2.99
C MET A 154 -3.50 2.49 -3.11
N LEU A 155 -4.64 3.02 -3.54
CA LEU A 155 -4.77 4.46 -3.74
C LEU A 155 -4.88 5.10 -2.38
N TYR A 156 -5.56 4.44 -1.44
CA TYR A 156 -5.67 5.04 -0.12
C TYR A 156 -4.25 5.24 0.47
N ASP A 157 -3.43 4.21 0.34
CA ASP A 157 -2.07 4.28 0.87
C ASP A 157 -1.19 5.29 0.15
N ALA A 158 -1.30 5.38 -1.17
CA ALA A 158 -0.63 6.44 -1.90
C ALA A 158 -1.01 7.85 -1.38
N LEU A 159 -2.30 8.21 -1.43
CA LEU A 159 -2.84 9.43 -0.83
C LEU A 159 -2.35 9.63 0.59
N ASP A 160 -2.54 8.64 1.46
CA ASP A 160 -2.00 8.77 2.81
C ASP A 160 -0.55 9.20 2.79
N VAL A 161 0.21 8.66 1.85
CA VAL A 161 1.66 8.86 1.83
C VAL A 161 2.03 10.20 1.24
N VAL A 162 1.52 10.56 0.06
CA VAL A 162 1.85 11.86 -0.54
C VAL A 162 1.32 13.06 0.24
N LEU A 163 0.45 12.82 1.22
CA LEU A 163 -0.05 13.91 2.05
C LEU A 163 0.99 14.35 3.09
N TYR A 164 1.96 13.50 3.39
CA TYR A 164 3.06 13.87 4.30
C TYR A 164 4.15 14.68 3.59
N MET A 165 4.24 14.46 2.28
CA MET A 165 5.18 15.18 1.44
C MET A 165 4.70 16.61 1.14
N ASP A 166 3.39 16.76 1.07
CA ASP A 166 2.83 18.04 0.68
C ASP A 166 1.37 18.09 1.07
N PRO A 167 1.11 18.46 2.32
CA PRO A 167 -0.24 18.33 2.87
C PRO A 167 -1.33 19.06 2.09
N MET A 168 -0.92 19.77 1.05
CA MET A 168 -1.85 20.57 0.30
C MET A 168 -2.12 19.97 -1.07
N CYS A 169 -1.51 18.82 -1.37
CA CYS A 169 -1.60 18.29 -2.74
C CYS A 169 -3.02 17.86 -3.21
N LEU A 170 -3.92 17.60 -2.26
CA LEU A 170 -5.29 17.28 -2.63
C LEU A 170 -6.28 18.45 -2.57
N ASP A 171 -5.92 19.61 -2.01
CA ASP A 171 -6.76 20.79 -2.27
C ASP A 171 -6.77 20.77 -3.78
N ALA A 172 -7.91 21.01 -4.41
CA ALA A 172 -7.97 20.87 -5.88
C ALA A 172 -8.54 19.53 -6.37
N PHE A 173 -8.37 18.50 -5.56
CA PHE A 173 -8.90 17.19 -5.92
C PHE A 173 -9.88 16.74 -4.83
N PRO A 174 -11.10 17.30 -4.87
CA PRO A 174 -12.16 17.09 -3.90
C PRO A 174 -12.74 15.65 -3.92
N LYS A 175 -12.82 15.02 -5.09
CA LYS A 175 -13.22 13.61 -5.17
C LYS A 175 -12.21 12.69 -4.52
N LEU A 176 -10.95 13.05 -4.68
CA LEU A 176 -9.88 12.28 -4.11
C LEU A 176 -9.95 12.37 -2.59
N VAL A 177 -10.08 13.58 -2.07
CA VAL A 177 -10.40 13.77 -0.65
C VAL A 177 -11.56 12.94 -0.13
N CYS A 178 -12.69 13.00 -0.81
CA CYS A 178 -13.81 12.24 -0.34
C CYS A 178 -13.53 10.77 -0.46
N PHE A 179 -12.85 10.33 -1.51
CA PHE A 179 -12.50 8.93 -1.61
C PHE A 179 -11.74 8.57 -0.32
N LYS A 180 -10.84 9.44 0.13
CA LYS A 180 -10.04 9.05 1.28
C LYS A 180 -10.96 8.83 2.47
N LYS A 181 -11.81 9.83 2.77
CA LYS A 181 -12.74 9.74 3.91
C LYS A 181 -13.62 8.51 3.76
N ARG A 182 -13.93 8.17 2.52
CA ARG A 182 -14.84 7.07 2.20
C ARG A 182 -14.26 5.72 2.57
N ILE A 183 -12.97 5.53 2.29
CA ILE A 183 -12.28 4.32 2.71
C ILE A 183 -12.19 4.30 4.23
N GLU A 184 -11.98 5.44 4.86
CA GLU A 184 -11.84 5.45 6.31
C GLU A 184 -13.17 5.20 6.98
N ALA A 185 -14.24 5.37 6.23
CA ALA A 185 -15.57 5.18 6.78
C ALA A 185 -16.13 3.77 6.59
N ILE A 186 -15.32 2.86 6.04
CA ILE A 186 -15.72 1.45 5.97
C ILE A 186 -15.47 0.84 7.33
N PRO A 187 -16.46 0.16 7.89
CA PRO A 187 -16.27 -0.03 9.32
C PRO A 187 -15.06 -0.93 9.71
N GLN A 188 -14.59 -1.79 8.80
CA GLN A 188 -13.45 -2.67 9.11
C GLN A 188 -12.16 -1.86 9.10
N ILE A 189 -12.12 -0.88 8.21
CA ILE A 189 -11.00 0.03 8.08
C ILE A 189 -11.00 1.02 9.25
N ASP A 190 -12.17 1.52 9.61
CA ASP A 190 -12.30 2.30 10.84
C ASP A 190 -11.76 1.54 12.05
N LYS A 191 -12.23 0.31 12.25
CA LYS A 191 -11.78 -0.44 13.41
C LYS A 191 -10.24 -0.51 13.38
N TYR A 192 -9.70 -0.99 12.26
CA TYR A 192 -8.26 -1.29 12.12
C TYR A 192 -7.41 -0.05 12.39
N LEU A 193 -7.79 1.06 11.80
CA LEU A 193 -7.11 2.31 12.02
C LEU A 193 -7.15 2.80 13.49
N LYS A 194 -7.97 2.15 14.32
CA LYS A 194 -8.11 2.55 15.72
C LYS A 194 -7.36 1.53 16.50
N SER A 195 -7.15 0.41 15.84
CA SER A 195 -6.48 -0.75 16.38
C SER A 195 -5.07 -0.54 16.95
N SER A 196 -4.74 -1.40 17.91
CA SER A 196 -3.37 -1.61 18.35
C SER A 196 -2.49 -2.11 17.21
N LYS A 197 -3.11 -2.75 16.22
CA LYS A 197 -2.46 -3.31 15.03
C LYS A 197 -1.99 -2.26 14.01
N TYR A 198 -2.61 -1.09 14.00
CA TYR A 198 -2.30 -0.16 12.95
C TYR A 198 -0.90 0.39 13.17
N ILE A 199 -0.04 0.15 12.18
CA ILE A 199 1.28 0.76 12.07
C ILE A 199 1.16 2.09 11.34
N ALA A 200 1.25 3.19 12.10
CA ALA A 200 1.08 4.51 11.54
C ALA A 200 2.33 5.10 10.94
N TRP A 201 3.49 4.62 11.35
CA TRP A 201 4.75 5.19 10.83
C TRP A 201 5.80 4.13 11.09
N PRO A 202 6.92 4.15 10.38
CA PRO A 202 7.23 5.03 9.25
C PRO A 202 6.54 4.57 7.97
N LEU A 203 6.53 5.47 7.00
CA LEU A 203 5.96 5.24 5.70
C LEU A 203 6.92 4.31 4.95
N GLN A 204 8.20 4.63 4.99
CA GLN A 204 9.19 3.79 4.36
C GLN A 204 10.02 3.20 5.47
N GLY A 205 11.11 2.55 5.11
CA GLY A 205 11.94 1.94 6.10
C GLY A 205 12.58 3.04 6.91
N TRP A 206 12.91 2.74 8.17
CA TRP A 206 13.41 3.73 9.12
C TRP A 206 14.54 4.65 8.66
N GLN A 207 15.40 4.22 7.75
CA GLN A 207 16.59 5.00 7.36
C GLN A 207 16.37 6.03 6.23
N ALA A 208 15.15 6.18 5.76
CA ALA A 208 14.93 6.95 4.55
C ALA A 208 14.79 8.43 4.80
N THR A 209 15.04 9.23 3.76
CA THR A 209 15.21 10.67 3.90
C THR A 209 13.85 11.37 4.02
N PHE A 210 12.81 10.69 3.55
CA PHE A 210 11.42 11.10 3.77
C PHE A 210 10.60 9.89 4.22
N GLY A 211 9.70 10.05 5.19
CA GLY A 211 8.97 8.90 5.68
C GLY A 211 9.68 7.92 6.61
N GLY A 212 10.82 8.33 7.16
CA GLY A 212 11.59 7.39 7.94
C GLY A 212 11.44 7.66 9.42
N GLY A 213 12.51 7.40 10.16
CA GLY A 213 12.56 7.81 11.54
C GLY A 213 11.37 7.19 12.23
N ASP A 214 11.02 7.73 13.39
CA ASP A 214 9.74 7.41 14.03
C ASP A 214 8.96 8.70 14.30
N HIS A 215 8.55 9.37 13.21
CA HIS A 215 8.45 10.83 13.13
C HIS A 215 7.11 11.49 12.66
N PRO A 216 7.11 12.84 12.54
CA PRO A 216 7.00 13.90 11.52
C PRO A 216 7.46 13.81 10.08
N PRO A 217 6.63 14.40 9.19
CA PRO A 217 6.61 14.50 7.73
C PRO A 217 7.84 15.19 7.13
N LYS A 218 7.91 15.15 5.79
CA LYS A 218 9.06 15.62 5.00
C LYS A 218 10.49 15.29 5.56
#